data_5DK0
#
_entry.id   5DK0
#
_cell.length_a   66.935
_cell.length_b   60.289
_cell.length_c   68.231
_cell.angle_alpha   90.00
_cell.angle_beta   103.20
_cell.angle_gamma   90.00
#
_symmetry.space_group_name_H-M   'P 1 21 1'
#
loop_
_entity.id
_entity.type
_entity.pdbx_description
1 polymer 'Ig gamma-1 chain C region'
2 polymer 'Ig gamma-1 chain C region'
3 polymer 'Fc-III peptide'
4 branched beta-D-galactopyranose-(1-4)-2-acetamido-2-deoxy-beta-D-glucopyranose-(1-2)-alpha-D-mannopyranose-(1-6)-[alpha-D-mannopyranose-(1-3)]beta-D-mannopyranose-(1-4)-2-acetamido-2-deoxy-beta-D-glucopyranose-(1-4)-[alpha-L-fucopyranose-(1-6)]2-acetamido-2-deoxy-beta-D-glucopyranose
5 water water
#
loop_
_entity_poly.entity_id
_entity_poly.type
_entity_poly.pdbx_seq_one_letter_code
_entity_poly.pdbx_strand_id
1 'polypeptide(L)'
;DKTHTCPPCPAPELLGGPSVFLFPPKPKDTLMISRTPEVTCVVVDVSHEDPEVKFNWYVDGVEVHNAKTKPREEQYNSTY
RVVSVLTVLHQDWLNGKEYKCKVSNKALPAPIEKTISKAKGQPREPQVSTLPPSREEMTKNQVSLMCLVYGFYPSDIAVE
WESNGQPENNYKTTPPVLDSDGSFFLYSVLTVDKSRWQQGNVFSCSVMHEALHNHYTQKSLSLSPGK
;
A
2 'polypeptide(L)'
;HHHHHHHHSGSGSDKTHTCPPCPAPELLGGPSVFLFPPKPKDTLEASRTPEVTCVVVDVSHEDPEVKFNWYVDGVEVHNA
KTKPREEQYNSTYRVVSVLTVLHQDWLNGKEYKCKVSNKALPAPIEKTISKAKGQPREPQVYTLPPSRGDMTKNQVQLTC
LVKGFYPSDIAVEWESNGQPENNYKTTPPVLDSDGSFFLASKLTVDKSRWQQGNVFSCSVMHEALHNAYTQKSLSLSPGK
;
B
3 'polypeptide(L)' DCAWHLGELVWCT C
#
loop_
_chem_comp.id
_chem_comp.type
_chem_comp.name
_chem_comp.formula
BMA D-saccharide, beta linking beta-D-mannopyranose 'C6 H12 O6'
FUC L-saccharide, alpha linking alpha-L-fucopyranose 'C6 H12 O5'
GAL D-saccharide, beta linking beta-D-galactopyranose 'C6 H12 O6'
MAN D-saccharide, alpha linking alpha-D-mannopyranose 'C6 H12 O6'
NAG D-saccharide, beta linking 2-acetamido-2-deoxy-beta-D-glucopyranose 'C8 H15 N O6'
#
# COMPACT_ATOMS: atom_id res chain seq x y z
N GLY A 17 26.61 -16.55 1.84
CA GLY A 17 26.77 -16.30 0.38
C GLY A 17 25.79 -15.27 -0.14
N PRO A 18 25.86 -14.97 -1.45
CA PRO A 18 25.03 -13.91 -2.07
C PRO A 18 23.54 -14.21 -2.02
N SER A 19 22.71 -13.17 -2.21
CA SER A 19 21.27 -13.33 -2.36
C SER A 19 20.80 -12.72 -3.70
N VAL A 20 19.68 -13.22 -4.24
CA VAL A 20 19.20 -12.78 -5.55
C VAL A 20 17.78 -12.17 -5.50
N PHE A 21 17.60 -11.05 -6.18
CA PHE A 21 16.27 -10.44 -6.33
C PHE A 21 15.96 -10.09 -7.78
N LEU A 22 14.85 -10.62 -8.27
CA LEU A 22 14.44 -10.45 -9.67
C LEU A 22 13.25 -9.50 -9.80
N PHE A 23 13.45 -8.42 -10.54
CA PHE A 23 12.48 -7.35 -10.62
C PHE A 23 11.81 -7.30 -11.99
N PRO A 24 10.48 -7.13 -12.02
CA PRO A 24 9.77 -6.99 -13.29
C PRO A 24 10.09 -5.64 -13.94
N PRO A 25 9.54 -5.36 -15.13
CA PRO A 25 9.69 -4.01 -15.64
C PRO A 25 8.53 -3.11 -15.20
N LYS A 26 8.71 -1.80 -15.33
CA LYS A 26 7.68 -0.83 -14.97
C LYS A 26 6.48 -0.98 -15.88
N PRO A 27 5.27 -0.92 -15.30
CA PRO A 27 4.07 -0.94 -16.14
C PRO A 27 4.17 -0.01 -17.36
N LYS A 28 4.68 1.21 -17.16
CA LYS A 28 4.80 2.16 -18.26
C LYS A 28 5.68 1.64 -19.38
N ASP A 29 6.79 1.00 -19.02
CA ASP A 29 7.73 0.46 -19.98
C ASP A 29 7.13 -0.68 -20.81
N THR A 30 6.24 -1.45 -20.20
CA THR A 30 5.57 -2.56 -20.89
C THR A 30 4.36 -2.11 -21.72
N LEU A 31 3.74 -1.00 -21.32
CA LEU A 31 2.48 -0.55 -21.92
C LEU A 31 2.66 0.46 -23.04
N MET A 32 3.82 1.10 -23.10
CA MET A 32 4.13 2.06 -24.14
C MET A 32 5.10 1.43 -25.13
N ILE A 33 4.68 1.35 -26.39
CA ILE A 33 5.51 0.78 -27.48
C ILE A 33 6.79 1.59 -27.75
N SER A 34 6.75 2.89 -27.44
CA SER A 34 7.92 3.74 -27.59
C SER A 34 8.91 3.65 -26.40
N ARG A 35 8.63 2.75 -25.45
CA ARG A 35 9.56 2.48 -24.33
C ARG A 35 10.20 1.09 -24.40
N THR A 36 11.26 0.88 -23.62
CA THR A 36 11.98 -0.38 -23.61
C THR A 36 11.97 -1.06 -22.23
N PRO A 37 11.12 -2.09 -22.08
CA PRO A 37 11.02 -2.82 -20.81
C PRO A 37 12.14 -3.84 -20.63
N GLU A 38 12.51 -4.09 -19.37
CA GLU A 38 13.56 -5.03 -19.04
C GLU A 38 13.33 -5.68 -17.67
N VAL A 39 13.74 -6.94 -17.52
CA VAL A 39 13.73 -7.58 -16.22
C VAL A 39 15.13 -7.49 -15.64
N THR A 40 15.24 -7.38 -14.33
CA THR A 40 16.52 -7.03 -13.72
C THR A 40 16.87 -8.03 -12.62
N CYS A 41 18.02 -8.68 -12.77
CA CYS A 41 18.49 -9.67 -11.82
C CYS A 41 19.58 -9.08 -10.95
N VAL A 42 19.23 -8.70 -9.73
CA VAL A 42 20.17 -8.10 -8.79
C VAL A 42 20.72 -9.17 -7.85
N VAL A 43 22.04 -9.23 -7.77
CA VAL A 43 22.73 -10.12 -6.84
C VAL A 43 23.49 -9.25 -5.84
N VAL A 44 23.11 -9.35 -4.57
CA VAL A 44 23.76 -8.61 -3.48
C VAL A 44 24.53 -9.59 -2.58
N ASP A 45 25.33 -9.05 -1.66
CA ASP A 45 26.22 -9.85 -0.78
C ASP A 45 27.28 -10.65 -1.53
N VAL A 46 27.77 -10.10 -2.63
CA VAL A 46 28.86 -10.72 -3.35
C VAL A 46 30.16 -10.33 -2.65
N SER A 47 30.96 -11.33 -2.28
CA SER A 47 32.17 -11.12 -1.49
C SER A 47 33.35 -10.59 -2.32
N HIS A 48 34.31 -9.96 -1.64
CA HIS A 48 35.55 -9.47 -2.26
C HIS A 48 36.49 -10.58 -2.65
N GLU A 49 36.33 -11.73 -2.00
CA GLU A 49 37.14 -12.91 -2.29
C GLU A 49 36.65 -13.66 -3.53
N ASP A 50 35.34 -13.63 -3.78
CA ASP A 50 34.76 -14.28 -4.98
C ASP A 50 33.76 -13.39 -5.73
N PRO A 51 34.25 -12.36 -6.46
CA PRO A 51 33.33 -11.41 -7.07
C PRO A 51 32.62 -11.90 -8.33
N GLU A 52 33.16 -12.94 -8.97
CA GLU A 52 32.67 -13.44 -10.25
C GLU A 52 31.28 -14.08 -10.15
N VAL A 53 30.36 -13.61 -10.99
CA VAL A 53 29.01 -14.14 -11.04
C VAL A 53 28.68 -14.61 -12.45
N LYS A 54 28.26 -15.87 -12.57
CA LYS A 54 27.74 -16.43 -13.83
C LYS A 54 26.23 -16.35 -13.84
N PHE A 55 25.70 -15.71 -14.89
CA PHE A 55 24.26 -15.57 -15.10
C PHE A 55 23.82 -16.46 -16.27
N ASN A 56 22.72 -17.20 -16.09
CA ASN A 56 22.03 -17.88 -17.18
C ASN A 56 20.59 -17.41 -17.22
N TRP A 57 20.12 -16.97 -18.38
CA TRP A 57 18.75 -16.52 -18.53
C TRP A 57 17.92 -17.47 -19.34
N TYR A 58 16.67 -17.66 -18.91
CA TYR A 58 15.74 -18.52 -19.63
C TYR A 58 14.40 -17.83 -19.82
N VAL A 59 13.83 -17.94 -21.02
CA VAL A 59 12.49 -17.44 -21.30
C VAL A 59 11.61 -18.63 -21.69
N ASP A 60 10.65 -18.95 -20.82
CA ASP A 60 9.86 -20.20 -20.89
C ASP A 60 10.74 -21.46 -21.01
N GLY A 61 11.78 -21.51 -20.18
CA GLY A 61 12.71 -22.65 -20.16
C GLY A 61 13.71 -22.65 -21.30
N VAL A 62 13.63 -21.66 -22.19
CA VAL A 62 14.55 -21.59 -23.32
C VAL A 62 15.60 -20.52 -23.04
N GLU A 63 16.86 -20.92 -23.06
CA GLU A 63 17.96 -20.01 -22.81
C GLU A 63 18.05 -18.91 -23.86
N VAL A 64 18.26 -17.68 -23.38
CA VAL A 64 18.58 -16.52 -24.22
C VAL A 64 19.96 -15.98 -23.86
N HIS A 65 20.61 -15.29 -24.81
CA HIS A 65 22.01 -14.85 -24.66
C HIS A 65 22.21 -13.36 -24.81
N ASN A 66 21.14 -12.58 -24.73
CA ASN A 66 21.25 -11.14 -24.94
C ASN A 66 21.18 -10.27 -23.68
N ALA A 67 21.40 -10.87 -22.51
CA ALA A 67 21.47 -10.11 -21.28
C ALA A 67 22.76 -9.30 -21.24
N LYS A 68 22.75 -8.19 -20.49
CA LYS A 68 23.94 -7.36 -20.29
C LYS A 68 24.17 -7.07 -18.82
N THR A 69 25.41 -7.21 -18.37
CA THR A 69 25.77 -6.94 -16.98
C THR A 69 26.11 -5.47 -16.77
N LYS A 70 25.46 -4.87 -15.78
CA LYS A 70 25.73 -3.50 -15.38
C LYS A 70 27.13 -3.36 -14.78
N PRO A 71 27.64 -2.12 -14.66
CA PRO A 71 28.93 -1.92 -13.98
C PRO A 71 28.85 -2.38 -12.51
N ARG A 72 29.82 -3.18 -12.10
CA ARG A 72 29.95 -3.61 -10.70
C ARG A 72 29.92 -2.42 -9.73
N GLU A 73 29.13 -2.53 -8.67
CA GLU A 73 28.95 -1.42 -7.74
C GLU A 73 29.37 -1.80 -6.32
N GLU A 74 30.40 -1.11 -5.83
CA GLU A 74 30.90 -1.25 -4.46
C GLU A 74 29.91 -0.64 -3.47
N GLN A 75 29.60 -1.36 -2.39
CA GLN A 75 28.55 -0.95 -1.45
C GLN A 75 29.08 -0.43 -0.10
N TYR A 76 30.38 -0.61 0.14
CA TYR A 76 31.07 -0.09 1.33
C TYR A 76 30.65 -0.78 2.63
N ASN A 77 30.11 -1.98 2.50
CA ASN A 77 29.79 -2.81 3.66
C ASN A 77 30.37 -4.22 3.53
N SER A 78 31.50 -4.31 2.84
CA SER A 78 32.25 -5.57 2.58
C SER A 78 31.86 -6.29 1.28
N THR A 79 30.77 -5.86 0.63
CA THR A 79 30.21 -6.60 -0.51
C THR A 79 30.04 -5.81 -1.81
N TYR A 80 29.81 -6.55 -2.89
CA TYR A 80 29.49 -5.97 -4.20
C TYR A 80 28.02 -6.14 -4.54
N ARG A 81 27.51 -5.26 -5.40
CA ARG A 81 26.21 -5.41 -5.99
C ARG A 81 26.43 -5.65 -7.49
N VAL A 82 25.96 -6.80 -7.97
CA VAL A 82 26.11 -7.21 -9.38
C VAL A 82 24.74 -7.38 -10.03
N VAL A 83 24.53 -6.70 -11.15
CA VAL A 83 23.21 -6.60 -11.76
C VAL A 83 23.28 -7.03 -13.23
N SER A 84 22.45 -8.00 -13.60
CA SER A 84 22.28 -8.39 -15.00
C SER A 84 20.90 -7.97 -15.50
N VAL A 85 20.86 -7.33 -16.67
CA VAL A 85 19.64 -6.76 -17.23
C VAL A 85 19.28 -7.48 -18.53
N LEU A 86 18.01 -7.87 -18.67
CA LEU A 86 17.51 -8.52 -19.88
C LEU A 86 16.36 -7.75 -20.52
N THR A 87 16.60 -7.22 -21.72
CA THR A 87 15.53 -6.61 -22.52
C THR A 87 14.49 -7.68 -22.88
N VAL A 88 13.22 -7.32 -22.72
CA VAL A 88 12.12 -8.21 -23.08
C VAL A 88 11.17 -7.52 -24.04
N LEU A 89 10.50 -8.33 -24.87
CA LEU A 89 9.50 -7.81 -25.79
C LEU A 89 8.20 -7.55 -25.02
N HIS A 90 7.51 -6.48 -25.39
CA HIS A 90 6.25 -6.08 -24.75
C HIS A 90 5.28 -7.23 -24.77
N GLN A 91 5.02 -7.78 -25.94
CA GLN A 91 4.04 -8.86 -26.07
C GLN A 91 4.40 -10.13 -25.32
N ASP A 92 5.69 -10.48 -25.28
CA ASP A 92 6.15 -11.62 -24.48
C ASP A 92 5.75 -11.44 -23.01
N TRP A 93 6.08 -10.29 -22.43
CA TRP A 93 5.73 -10.02 -21.04
C TRP A 93 4.25 -10.07 -20.86
N LEU A 94 3.53 -9.40 -21.75
CA LEU A 94 2.08 -9.25 -21.61
C LEU A 94 1.36 -10.55 -21.90
N ASN A 95 1.98 -11.41 -22.72
CA ASN A 95 1.44 -12.75 -22.95
C ASN A 95 1.70 -13.69 -21.78
N GLY A 96 2.51 -13.23 -20.83
CA GLY A 96 2.73 -13.99 -19.59
C GLY A 96 3.86 -15.00 -19.67
N LYS A 97 4.87 -14.74 -20.50
CA LYS A 97 6.08 -15.55 -20.51
C LYS A 97 6.81 -15.45 -19.17
N GLU A 98 7.38 -16.55 -18.72
CA GLU A 98 8.11 -16.58 -17.47
C GLU A 98 9.58 -16.39 -17.78
N TYR A 99 10.20 -15.47 -17.03
CA TYR A 99 11.62 -15.18 -17.18
C TYR A 99 12.38 -15.72 -15.97
N LYS A 100 13.43 -16.49 -16.24
CA LYS A 100 14.20 -17.11 -15.18
C LYS A 100 15.64 -16.63 -15.19
N CYS A 101 16.09 -16.12 -14.05
CA CYS A 101 17.47 -15.78 -13.84
C CYS A 101 18.12 -16.81 -12.91
N LYS A 102 19.15 -17.47 -13.40
CA LYS A 102 19.93 -18.41 -12.60
C LYS A 102 21.29 -17.79 -12.30
N VAL A 103 21.69 -17.84 -11.03
CA VAL A 103 22.90 -17.18 -10.55
C VAL A 103 23.87 -18.19 -9.94
N SER A 104 25.10 -18.19 -10.43
CA SER A 104 26.17 -19.04 -9.90
C SER A 104 27.33 -18.20 -9.40
N ASN A 105 27.86 -18.54 -8.22
CA ASN A 105 28.95 -17.81 -7.56
C ASN A 105 29.65 -18.77 -6.61
N LYS A 106 30.97 -18.63 -6.49
CA LYS A 106 31.76 -19.63 -5.78
C LYS A 106 31.33 -19.82 -4.32
N ALA A 107 30.77 -18.77 -3.71
CA ALA A 107 30.36 -18.79 -2.29
C ALA A 107 28.99 -19.43 -2.09
N LEU A 108 28.49 -20.06 -3.14
CA LEU A 108 27.16 -20.63 -3.14
C LEU A 108 27.28 -22.14 -3.17
N PRO A 109 26.60 -22.84 -2.25
CA PRO A 109 26.58 -24.32 -2.26
C PRO A 109 25.87 -24.85 -3.50
N ALA A 110 24.81 -24.15 -3.91
CA ALA A 110 24.06 -24.49 -5.11
C ALA A 110 23.54 -23.22 -5.79
N PRO A 111 23.57 -23.18 -7.12
CA PRO A 111 23.00 -22.06 -7.88
C PRO A 111 21.61 -21.63 -7.40
N ILE A 112 21.35 -20.33 -7.43
CA ILE A 112 20.03 -19.78 -7.06
C ILE A 112 19.24 -19.40 -8.33
N GLU A 113 18.02 -19.93 -8.42
CA GLU A 113 17.15 -19.66 -9.56
C GLU A 113 15.88 -18.93 -9.12
N LYS A 114 15.64 -17.77 -9.72
CA LYS A 114 14.42 -17.01 -9.51
C LYS A 114 13.60 -17.00 -10.78
N THR A 115 12.31 -16.68 -10.66
CA THR A 115 11.42 -16.63 -11.81
C THR A 115 10.38 -15.56 -11.58
N ILE A 116 10.13 -14.76 -12.60
CA ILE A 116 8.99 -13.83 -12.60
C ILE A 116 8.24 -13.82 -13.92
N SER A 117 6.99 -13.38 -13.84
CA SER A 117 6.16 -13.16 -15.00
C SER A 117 5.04 -12.27 -14.52
N LYS A 118 4.31 -11.70 -15.48
CA LYS A 118 3.05 -11.03 -15.20
C LYS A 118 2.17 -11.97 -14.39
N ALA A 119 1.40 -11.44 -13.44
CA ALA A 119 0.48 -12.26 -12.65
C ALA A 119 -0.50 -13.02 -13.53
N LYS A 120 -0.77 -14.29 -13.19
CA LYS A 120 -1.71 -15.13 -13.94
C LYS A 120 -3.15 -14.71 -13.69
N GLY A 121 -3.94 -14.69 -14.75
CA GLY A 121 -5.36 -14.36 -14.64
C GLY A 121 -5.88 -13.69 -15.90
N GLN A 122 -7.15 -13.94 -16.22
CA GLN A 122 -7.78 -13.32 -17.38
C GLN A 122 -7.86 -11.80 -17.16
N PRO A 123 -7.17 -11.02 -18.02
CA PRO A 123 -7.10 -9.57 -17.82
C PRO A 123 -8.48 -8.91 -17.85
N ARG A 124 -8.64 -7.83 -17.09
CA ARG A 124 -9.91 -7.11 -17.03
C ARG A 124 -9.74 -5.60 -17.15
N GLU A 125 -10.75 -4.98 -17.76
CA GLU A 125 -10.70 -3.60 -18.19
C GLU A 125 -11.06 -2.63 -17.07
N PRO A 126 -10.11 -1.74 -16.73
CA PRO A 126 -10.39 -0.73 -15.70
C PRO A 126 -11.51 0.20 -16.13
N GLN A 127 -12.42 0.49 -15.20
CA GLN A 127 -13.40 1.54 -15.42
C GLN A 127 -12.88 2.78 -14.72
N VAL A 128 -12.81 3.87 -15.47
CA VAL A 128 -12.24 5.10 -14.97
C VAL A 128 -13.33 6.14 -14.80
N SER A 129 -13.45 6.66 -13.59
CA SER A 129 -14.48 7.63 -13.25
C SER A 129 -13.87 8.82 -12.52
N THR A 130 -14.23 10.03 -12.93
CA THR A 130 -13.71 11.24 -12.32
C THR A 130 -14.70 11.78 -11.28
N LEU A 131 -14.18 12.38 -10.21
CA LEU A 131 -15.02 12.88 -9.12
C LEU A 131 -14.64 14.31 -8.73
N PRO A 132 -15.56 15.27 -8.95
CA PRO A 132 -15.33 16.68 -8.60
C PRO A 132 -15.20 16.87 -7.10
N PRO A 133 -14.57 17.98 -6.65
CA PRO A 133 -14.41 18.22 -5.21
C PRO A 133 -15.75 18.39 -4.50
N SER A 134 -15.79 18.01 -3.23
CA SER A 134 -16.96 18.25 -2.38
C SER A 134 -17.20 19.74 -2.17
N ARG A 135 -18.47 20.13 -2.21
CA ARG A 135 -18.86 21.50 -1.90
C ARG A 135 -18.33 21.97 -0.54
N GLU A 136 -18.20 21.02 0.39
CA GLU A 136 -17.69 21.31 1.75
C GLU A 136 -16.17 21.48 1.81
N GLU A 137 -15.47 21.10 0.75
CA GLU A 137 -14.02 21.29 0.65
C GLU A 137 -13.66 22.67 0.11
N MET A 138 -14.67 23.37 -0.44
CA MET A 138 -14.47 24.67 -1.07
C MET A 138 -14.13 25.80 -0.09
N THR A 139 -13.89 25.43 1.16
CA THR A 139 -13.47 26.37 2.22
C THR A 139 -11.95 26.60 2.21
N LYS A 140 -11.20 25.61 1.73
CA LYS A 140 -9.74 25.64 1.74
C LYS A 140 -9.16 26.40 0.54
N ASN A 141 -7.85 26.60 0.55
CA ASN A 141 -7.13 27.22 -0.56
C ASN A 141 -6.93 26.30 -1.77
N GLN A 142 -7.12 25.01 -1.54
CA GLN A 142 -6.89 23.99 -2.56
C GLN A 142 -7.98 22.91 -2.54
N VAL A 143 -8.34 22.43 -3.73
CA VAL A 143 -9.36 21.37 -3.85
C VAL A 143 -8.81 20.06 -4.41
N SER A 144 -9.52 18.97 -4.13
CA SER A 144 -9.11 17.63 -4.51
C SER A 144 -9.98 17.06 -5.64
N LEU A 145 -9.31 16.68 -6.73
CA LEU A 145 -9.95 15.96 -7.82
C LEU A 145 -9.61 14.47 -7.72
N MET A 146 -10.62 13.63 -7.92
CA MET A 146 -10.44 12.19 -7.80
C MET A 146 -10.61 11.45 -9.11
N CYS A 147 -9.78 10.44 -9.30
CA CYS A 147 -9.91 9.52 -10.41
C CYS A 147 -10.02 8.13 -9.79
N LEU A 148 -11.21 7.55 -9.85
CA LEU A 148 -11.41 6.20 -9.37
C LEU A 148 -11.24 5.23 -10.52
N VAL A 149 -10.35 4.27 -10.31
CA VAL A 149 -10.04 3.25 -11.30
C VAL A 149 -10.32 1.91 -10.65
N TYR A 150 -11.37 1.23 -11.09
CA TYR A 150 -11.77 -0.04 -10.50
C TYR A 150 -11.97 -1.13 -11.53
N GLY A 151 -11.95 -2.37 -11.04
CA GLY A 151 -12.28 -3.53 -11.86
C GLY A 151 -11.22 -3.92 -12.86
N PHE A 152 -9.96 -3.60 -12.56
CA PHE A 152 -8.85 -4.01 -13.41
C PHE A 152 -8.11 -5.21 -12.87
N TYR A 153 -7.62 -6.04 -13.79
CA TYR A 153 -6.69 -7.12 -13.48
C TYR A 153 -5.76 -7.25 -14.68
N PRO A 154 -4.45 -7.51 -14.45
CA PRO A 154 -3.73 -7.51 -13.17
C PRO A 154 -3.53 -6.11 -12.56
N SER A 155 -2.72 -6.02 -11.52
CA SER A 155 -2.57 -4.79 -10.74
C SER A 155 -1.58 -3.80 -11.36
N ASP A 156 -0.84 -4.27 -12.36
CA ASP A 156 0.10 -3.44 -13.13
C ASP A 156 -0.65 -2.32 -13.87
N ILE A 157 -0.39 -1.08 -13.49
CA ILE A 157 -1.10 0.09 -14.04
C ILE A 157 -0.25 1.36 -13.92
N ALA A 158 -0.66 2.40 -14.65
CA ALA A 158 -0.06 3.73 -14.55
C ALA A 158 -1.14 4.78 -14.60
N VAL A 159 -1.05 5.73 -13.67
CA VAL A 159 -2.03 6.82 -13.55
C VAL A 159 -1.32 8.15 -13.48
N GLU A 160 -1.75 9.11 -14.29
CA GLU A 160 -1.15 10.45 -14.35
C GLU A 160 -2.21 11.52 -14.59
N TRP A 161 -1.82 12.78 -14.43
CA TRP A 161 -2.74 13.92 -14.63
C TRP A 161 -2.18 14.93 -15.56
N GLU A 162 -3.05 15.57 -16.34
CA GLU A 162 -2.64 16.65 -17.24
C GLU A 162 -3.69 17.74 -17.40
N SER A 163 -3.22 18.91 -17.86
CA SER A 163 -4.07 20.04 -18.17
C SER A 163 -3.37 20.90 -19.24
N ASN A 164 -4.10 21.24 -20.30
CA ASN A 164 -3.57 22.00 -21.45
C ASN A 164 -2.32 21.39 -22.08
N GLY A 165 -2.32 20.07 -22.24
CA GLY A 165 -1.17 19.37 -22.79
C GLY A 165 -0.07 19.11 -21.78
N GLN A 166 0.13 20.04 -20.84
CA GLN A 166 1.18 19.92 -19.83
C GLN A 166 0.80 18.94 -18.72
N PRO A 167 1.79 18.17 -18.22
CA PRO A 167 1.52 17.25 -17.11
C PRO A 167 1.37 17.98 -15.78
N GLU A 168 0.46 17.48 -14.92
CA GLU A 168 0.24 18.02 -13.59
C GLU A 168 0.91 17.11 -12.57
N ASN A 169 1.90 17.65 -11.85
CA ASN A 169 2.69 16.84 -10.92
C ASN A 169 2.18 16.77 -9.48
N ASN A 170 1.21 17.63 -9.14
CA ASN A 170 0.68 17.70 -7.78
C ASN A 170 -0.45 16.67 -7.49
N TYR A 171 -0.12 15.38 -7.57
CA TYR A 171 -1.09 14.32 -7.30
C TYR A 171 -0.48 13.18 -6.46
N LYS A 172 -1.35 12.40 -5.83
CA LYS A 172 -0.96 11.16 -5.15
C LYS A 172 -1.92 10.05 -5.53
N THR A 173 -1.38 8.85 -5.71
CA THR A 173 -2.16 7.70 -6.15
C THR A 173 -2.03 6.61 -5.09
N THR A 174 -3.14 5.99 -4.71
CA THR A 174 -3.09 4.90 -3.74
C THR A 174 -2.48 3.69 -4.42
N PRO A 175 -1.96 2.74 -3.63
CA PRO A 175 -1.62 1.44 -4.23
C PRO A 175 -2.90 0.68 -4.58
N PRO A 176 -2.83 -0.22 -5.60
CA PRO A 176 -3.98 -1.04 -5.93
C PRO A 176 -4.46 -1.88 -4.73
N VAL A 177 -5.77 -1.95 -4.54
CA VAL A 177 -6.35 -2.77 -3.48
C VAL A 177 -7.21 -3.89 -4.09
N LEU A 178 -7.00 -5.12 -3.62
CA LEU A 178 -7.79 -6.28 -4.05
C LEU A 178 -9.25 -6.12 -3.62
N ASP A 179 -10.14 -6.08 -4.59
CA ASP A 179 -11.58 -5.92 -4.36
C ASP A 179 -12.26 -7.29 -4.20
N SER A 180 -13.53 -7.29 -3.80
CA SER A 180 -14.26 -8.54 -3.50
C SER A 180 -14.50 -9.45 -4.71
N ASP A 181 -14.43 -8.88 -5.92
CA ASP A 181 -14.58 -9.66 -7.15
C ASP A 181 -13.24 -10.17 -7.70
N GLY A 182 -12.16 -9.97 -6.97
CA GLY A 182 -10.86 -10.46 -7.38
C GLY A 182 -10.20 -9.59 -8.45
N SER A 183 -10.72 -8.38 -8.63
CA SER A 183 -10.06 -7.35 -9.42
C SER A 183 -9.49 -6.29 -8.48
N PHE A 184 -8.68 -5.37 -9.02
CA PHE A 184 -8.12 -4.30 -8.19
C PHE A 184 -8.78 -2.94 -8.41
N PHE A 185 -8.60 -2.06 -7.44
CA PHE A 185 -9.02 -0.67 -7.56
C PHE A 185 -8.02 0.26 -6.87
N LEU A 186 -8.08 1.53 -7.25
CA LEU A 186 -7.27 2.56 -6.63
C LEU A 186 -7.93 3.91 -6.82
N TYR A 187 -7.53 4.89 -6.01
CA TYR A 187 -7.88 6.29 -6.21
C TYR A 187 -6.61 7.08 -6.48
N SER A 188 -6.71 8.04 -7.38
CA SER A 188 -5.68 9.04 -7.60
C SER A 188 -6.30 10.39 -7.25
N VAL A 189 -5.59 11.19 -6.47
CA VAL A 189 -6.06 12.50 -6.02
C VAL A 189 -5.14 13.60 -6.56
N LEU A 190 -5.67 14.47 -7.39
CA LEU A 190 -4.95 15.66 -7.82
C LEU A 190 -5.38 16.88 -7.00
N THR A 191 -4.43 17.52 -6.32
CA THR A 191 -4.70 18.72 -5.54
C THR A 191 -4.33 19.97 -6.34
N VAL A 192 -5.29 20.89 -6.50
CA VAL A 192 -5.04 22.15 -7.21
C VAL A 192 -5.50 23.35 -6.37
N ASP A 193 -4.92 24.51 -6.67
CA ASP A 193 -5.40 25.77 -6.11
C ASP A 193 -6.87 25.94 -6.50
N LYS A 194 -7.68 26.39 -5.54
CA LYS A 194 -9.14 26.46 -5.71
C LYS A 194 -9.51 27.33 -6.92
N SER A 195 -8.80 28.45 -7.08
CA SER A 195 -9.01 29.40 -8.18
C SER A 195 -8.98 28.77 -9.57
N ARG A 196 -8.06 27.81 -9.76
CA ARG A 196 -7.91 27.10 -11.02
C ARG A 196 -9.15 26.29 -11.34
N TRP A 197 -9.73 25.67 -10.31
CA TRP A 197 -10.98 24.93 -10.45
C TRP A 197 -12.15 25.85 -10.66
N GLN A 198 -12.19 26.95 -9.91
CA GLN A 198 -13.24 27.97 -10.03
C GLN A 198 -13.31 28.54 -11.44
N GLN A 199 -12.15 28.73 -12.07
CA GLN A 199 -12.04 29.40 -13.38
C GLN A 199 -12.43 28.51 -14.57
N GLY A 200 -12.72 27.23 -14.31
CA GLY A 200 -13.24 26.32 -15.33
C GLY A 200 -12.18 25.61 -16.16
N ASN A 201 -10.96 25.50 -15.62
CA ASN A 201 -9.88 24.73 -16.25
C ASN A 201 -10.21 23.23 -16.28
N VAL A 202 -9.80 22.58 -17.36
CA VAL A 202 -10.08 21.16 -17.54
C VAL A 202 -8.89 20.33 -17.09
N PHE A 203 -9.14 19.33 -16.25
CA PHE A 203 -8.08 18.42 -15.80
C PHE A 203 -8.37 17.00 -16.24
N SER A 204 -7.32 16.28 -16.61
CA SER A 204 -7.47 14.95 -17.17
C SER A 204 -6.70 13.89 -16.40
N CYS A 205 -7.36 12.76 -16.20
CA CYS A 205 -6.77 11.58 -15.59
C CYS A 205 -6.42 10.59 -16.69
N SER A 206 -5.14 10.25 -16.80
CA SER A 206 -4.67 9.30 -17.81
C SER A 206 -4.30 7.99 -17.16
N VAL A 207 -4.85 6.92 -17.71
CA VAL A 207 -4.63 5.60 -17.18
C VAL A 207 -4.05 4.74 -18.29
N MET A 208 -3.03 3.95 -17.94
CA MET A 208 -2.45 2.95 -18.84
C MET A 208 -2.54 1.54 -18.26
N HIS A 209 -3.14 0.64 -19.02
CA HIS A 209 -3.38 -0.74 -18.62
C HIS A 209 -3.49 -1.64 -19.82
N GLU A 210 -2.98 -2.85 -19.71
CA GLU A 210 -2.95 -3.80 -20.83
C GLU A 210 -4.30 -4.15 -21.43
N ALA A 211 -5.38 -4.01 -20.64
CA ALA A 211 -6.72 -4.43 -21.05
C ALA A 211 -7.59 -3.29 -21.59
N LEU A 212 -7.00 -2.09 -21.70
CA LEU A 212 -7.65 -0.99 -22.39
C LEU A 212 -7.35 -1.06 -23.88
N HIS A 213 -8.24 -0.51 -24.69
CA HIS A 213 -7.93 -0.33 -26.10
C HIS A 213 -6.69 0.52 -26.26
N ASN A 214 -5.68 -0.05 -26.89
CA ASN A 214 -4.38 0.61 -27.07
C ASN A 214 -3.70 0.98 -25.75
N HIS A 215 -4.02 0.23 -24.70
CA HIS A 215 -3.41 0.38 -23.36
C HIS A 215 -3.56 1.75 -22.77
N TYR A 216 -4.61 2.48 -23.13
CA TYR A 216 -4.70 3.88 -22.72
C TYR A 216 -6.13 4.39 -22.67
N THR A 217 -6.45 5.12 -21.61
CA THR A 217 -7.67 5.92 -21.58
C THR A 217 -7.47 7.23 -20.83
N GLN A 218 -8.45 8.11 -20.95
CA GLN A 218 -8.38 9.45 -20.38
C GLN A 218 -9.78 9.93 -20.11
N LYS A 219 -10.00 10.48 -18.92
CA LYS A 219 -11.26 11.13 -18.57
C LYS A 219 -10.99 12.55 -18.09
N SER A 220 -11.94 13.44 -18.33
CA SER A 220 -11.78 14.86 -18.06
C SER A 220 -12.78 15.39 -17.04
N LEU A 221 -12.48 16.57 -16.51
CA LEU A 221 -13.19 17.10 -15.36
C LEU A 221 -13.09 18.63 -15.33
N SER A 222 -14.24 19.30 -15.21
CA SER A 222 -14.32 20.75 -15.01
C SER A 222 -15.69 21.16 -14.43
N LEU A 223 -15.74 22.35 -13.84
CA LEU A 223 -16.98 22.87 -13.25
C LEU A 223 -18.01 23.26 -14.30
N GLY B 30 19.23 -16.73 19.28
CA GLY B 30 18.27 -16.89 20.41
C GLY B 30 16.87 -16.38 20.09
N PRO B 31 16.08 -16.03 21.13
CA PRO B 31 14.73 -15.50 20.95
C PRO B 31 14.68 -14.08 20.38
N SER B 32 13.64 -13.80 19.60
CA SER B 32 13.38 -12.48 19.05
C SER B 32 12.18 -11.83 19.75
N VAL B 33 12.10 -10.49 19.70
CA VAL B 33 11.02 -9.74 20.35
C VAL B 33 10.30 -8.77 19.40
N PHE B 34 8.97 -8.81 19.39
CA PHE B 34 8.16 -7.88 18.62
C PHE B 34 7.08 -7.25 19.48
N LEU B 35 7.07 -5.92 19.52
CA LEU B 35 6.17 -5.15 20.37
C LEU B 35 5.16 -4.39 19.51
N PHE B 36 3.87 -4.64 19.75
CA PHE B 36 2.81 -4.12 18.89
C PHE B 36 1.96 -3.07 19.60
N PRO B 37 1.50 -2.03 18.87
CA PRO B 37 0.64 -1.00 19.45
C PRO B 37 -0.78 -1.54 19.73
N PRO B 38 -1.68 -0.71 20.27
CA PRO B 38 -3.10 -1.12 20.26
C PRO B 38 -3.77 -0.80 18.92
N LYS B 39 -4.89 -1.45 18.63
CA LYS B 39 -5.68 -1.14 17.45
C LYS B 39 -6.23 0.27 17.58
N PRO B 40 -6.30 1.02 16.45
CA PRO B 40 -6.79 2.40 16.55
C PRO B 40 -8.19 2.48 17.17
N LYS B 41 -9.06 1.54 16.80
CA LYS B 41 -10.43 1.51 17.29
C LYS B 41 -10.49 1.42 18.82
N ASP B 42 -9.62 0.59 19.38
CA ASP B 42 -9.55 0.38 20.82
C ASP B 42 -9.03 1.58 21.61
N THR B 43 -8.21 2.42 20.96
CA THR B 43 -7.71 3.65 21.60
C THR B 43 -8.74 4.76 21.51
N LEU B 44 -9.64 4.66 20.52
CA LEU B 44 -10.57 5.74 20.19
C LEU B 44 -11.97 5.57 20.77
N GLU B 45 -12.26 4.37 21.29
CA GLU B 45 -13.56 4.10 21.90
C GLU B 45 -13.42 3.85 23.39
N ALA B 46 -14.18 4.62 24.18
CA ALA B 46 -14.13 4.55 25.65
C ALA B 46 -14.49 3.17 26.20
N SER B 47 -15.42 2.49 25.55
CA SER B 47 -15.86 1.16 25.96
C SER B 47 -14.78 0.07 25.82
N ARG B 48 -13.86 0.27 24.88
CA ARG B 48 -12.86 -0.76 24.54
C ARG B 48 -11.60 -0.70 25.39
N THR B 49 -10.88 -1.81 25.46
CA THR B 49 -9.66 -1.93 26.26
C THR B 49 -8.41 -2.03 25.37
N PRO B 50 -7.60 -0.97 25.34
CA PRO B 50 -6.36 -0.91 24.54
C PRO B 50 -5.21 -1.61 25.25
N GLU B 51 -4.41 -2.35 24.49
CA GLU B 51 -3.28 -3.05 25.07
C GLU B 51 -2.05 -3.03 24.17
N VAL B 52 -0.88 -3.04 24.81
CA VAL B 52 0.39 -3.14 24.12
C VAL B 52 0.84 -4.57 24.35
N THR B 53 1.37 -5.22 23.32
CA THR B 53 1.64 -6.66 23.38
C THR B 53 3.10 -6.97 23.08
N CYS B 54 3.79 -7.57 24.06
CA CYS B 54 5.17 -7.96 23.86
C CYS B 54 5.30 -9.44 23.50
N VAL B 55 5.56 -9.70 22.22
CA VAL B 55 5.63 -11.07 21.69
C VAL B 55 7.07 -11.53 21.57
N VAL B 56 7.38 -12.61 22.28
CA VAL B 56 8.71 -13.21 22.25
C VAL B 56 8.63 -14.55 21.55
N VAL B 57 9.29 -14.65 20.39
CA VAL B 57 9.33 -15.91 19.62
C VAL B 57 10.68 -16.60 19.76
N ASP B 58 10.79 -17.80 19.20
CA ASP B 58 12.02 -18.60 19.22
C ASP B 58 12.54 -18.81 20.64
N VAL B 59 11.63 -19.09 21.56
CA VAL B 59 11.99 -19.42 22.93
C VAL B 59 12.28 -20.92 22.96
N SER B 60 13.40 -21.28 23.59
CA SER B 60 13.89 -22.66 23.56
C SER B 60 13.19 -23.59 24.55
N HIS B 61 13.08 -24.87 24.20
CA HIS B 61 12.53 -25.89 25.10
C HIS B 61 13.33 -26.04 26.35
N GLU B 62 14.61 -25.71 26.28
CA GLU B 62 15.54 -25.85 27.41
C GLU B 62 15.60 -24.61 28.32
N ASP B 63 14.97 -23.52 27.88
CA ASP B 63 14.78 -22.30 28.71
C ASP B 63 13.56 -21.48 28.26
N PRO B 64 12.35 -21.91 28.64
CA PRO B 64 11.15 -21.15 28.28
C PRO B 64 10.87 -19.99 29.23
N GLU B 65 11.57 -19.95 30.36
CA GLU B 65 11.42 -18.91 31.36
C GLU B 65 11.80 -17.54 30.81
N VAL B 66 10.89 -16.58 30.91
CA VAL B 66 11.12 -15.24 30.40
C VAL B 66 10.67 -14.19 31.44
N LYS B 67 11.61 -13.37 31.89
CA LYS B 67 11.28 -12.21 32.71
C LYS B 67 10.91 -11.02 31.83
N PHE B 68 9.69 -10.53 32.01
CA PHE B 68 9.25 -9.27 31.40
C PHE B 68 9.35 -8.14 32.42
N ASN B 69 9.93 -7.01 32.01
CA ASN B 69 9.84 -5.78 32.80
C ASN B 69 9.27 -4.69 31.92
N TRP B 70 8.19 -4.07 32.36
CA TRP B 70 7.58 -2.99 31.60
C TRP B 70 7.89 -1.65 32.19
N TYR B 71 8.03 -0.65 31.33
CA TYR B 71 8.28 0.73 31.74
C TYR B 71 7.37 1.66 30.95
N VAL B 72 6.68 2.57 31.63
CA VAL B 72 5.87 3.62 30.98
C VAL B 72 6.56 4.96 31.18
N ASP B 73 7.09 5.52 30.09
CA ASP B 73 7.94 6.71 30.11
C ASP B 73 9.01 6.60 31.21
N GLY B 74 9.71 5.48 31.23
CA GLY B 74 10.79 5.25 32.19
C GLY B 74 10.40 4.60 33.50
N VAL B 75 9.20 4.91 33.99
CA VAL B 75 8.71 4.38 35.26
C VAL B 75 8.22 2.95 35.10
N GLU B 76 8.76 2.04 35.91
CA GLU B 76 8.37 0.64 35.87
C GLU B 76 6.96 0.40 36.37
N VAL B 77 6.17 -0.35 35.60
CA VAL B 77 4.81 -0.73 35.98
C VAL B 77 4.67 -2.24 36.23
N HIS B 78 3.62 -2.64 36.93
CA HIS B 78 3.51 -4.00 37.44
C HIS B 78 2.25 -4.75 37.12
N ASN B 79 1.37 -4.16 36.31
CA ASN B 79 0.04 -4.75 36.04
C ASN B 79 -0.08 -5.52 34.72
N ALA B 80 1.03 -6.04 34.20
CA ALA B 80 1.03 -6.83 32.97
C ALA B 80 0.65 -8.29 33.24
N LYS B 81 -0.03 -8.90 32.28
CA LYS B 81 -0.42 -10.32 32.36
C LYS B 81 0.24 -11.13 31.25
N THR B 82 0.75 -12.30 31.57
CA THR B 82 1.29 -13.22 30.57
C THR B 82 0.23 -14.14 29.97
N LYS B 83 0.13 -14.13 28.63
CA LYS B 83 -0.75 -15.04 27.89
C LYS B 83 -0.34 -16.49 28.09
N PRO B 84 -1.25 -17.44 27.80
CA PRO B 84 -0.83 -18.83 27.90
C PRO B 84 0.26 -19.12 26.87
N ARG B 85 1.27 -19.87 27.32
CA ARG B 85 2.39 -20.32 26.50
C ARG B 85 1.88 -21.19 25.34
N GLU B 86 2.42 -20.93 24.14
CA GLU B 86 2.03 -21.69 22.95
C GLU B 86 3.24 -22.29 22.23
N GLU B 87 3.26 -23.62 22.12
CA GLU B 87 4.22 -24.35 21.30
C GLU B 87 3.92 -24.07 19.83
N GLN B 88 4.97 -23.98 19.02
CA GLN B 88 4.81 -23.50 17.64
C GLN B 88 4.88 -24.56 16.52
N TYR B 89 5.31 -25.77 16.86
CA TYR B 89 5.47 -26.89 15.90
C TYR B 89 6.87 -26.95 15.28
N ASN B 90 7.57 -25.83 15.30
CA ASN B 90 9.00 -25.81 14.99
C ASN B 90 9.86 -25.89 16.26
N SER B 91 9.31 -26.59 17.27
CA SER B 91 9.94 -26.85 18.57
C SER B 91 10.45 -25.62 19.32
N THR B 92 9.81 -24.47 19.11
CA THR B 92 10.07 -23.26 19.89
C THR B 92 8.77 -22.75 20.48
N TYR B 93 8.88 -22.04 21.59
CA TYR B 93 7.73 -21.43 22.24
C TYR B 93 7.48 -19.99 21.77
N ARG B 94 6.20 -19.62 21.74
CA ARG B 94 5.81 -18.23 21.57
C ARG B 94 5.24 -17.73 22.91
N VAL B 95 6.04 -16.95 23.64
CA VAL B 95 5.62 -16.33 24.90
C VAL B 95 5.19 -14.86 24.70
N VAL B 96 4.02 -14.50 25.22
CA VAL B 96 3.42 -13.18 25.00
C VAL B 96 3.07 -12.51 26.34
N SER B 97 3.47 -11.25 26.50
CA SER B 97 3.06 -10.47 27.66
C SER B 97 2.26 -9.25 27.20
N VAL B 98 1.14 -9.00 27.88
CA VAL B 98 0.22 -7.95 27.49
C VAL B 98 0.08 -6.91 28.60
N LEU B 99 0.12 -5.65 28.20
CA LEU B 99 -0.05 -4.55 29.12
C LEU B 99 -1.27 -3.73 28.70
N THR B 100 -2.26 -3.65 29.60
CA THR B 100 -3.37 -2.72 29.43
C THR B 100 -2.85 -1.28 29.52
N VAL B 101 -3.34 -0.43 28.61
CA VAL B 101 -2.99 0.98 28.66
C VAL B 101 -4.26 1.82 28.76
N LEU B 102 -4.16 2.97 29.43
CA LEU B 102 -5.25 3.94 29.47
C LEU B 102 -5.29 4.67 28.14
N HIS B 103 -6.51 5.00 27.70
CA HIS B 103 -6.69 5.72 26.43
C HIS B 103 -5.84 6.96 26.38
N GLN B 104 -6.08 7.85 27.33
CA GLN B 104 -5.36 9.14 27.38
C GLN B 104 -3.85 8.98 27.27
N ASP B 105 -3.27 8.15 28.16
CA ASP B 105 -1.84 7.85 28.18
C ASP B 105 -1.27 7.60 26.78
N TRP B 106 -1.86 6.64 26.06
CA TRP B 106 -1.39 6.32 24.71
C TRP B 106 -1.53 7.51 23.80
N LEU B 107 -2.69 8.16 23.83
CA LEU B 107 -2.95 9.30 22.96
C LEU B 107 -2.13 10.54 23.31
N ASN B 108 -1.60 10.57 24.53
CA ASN B 108 -0.74 11.66 24.97
C ASN B 108 0.73 11.42 24.62
N GLY B 109 0.99 10.38 23.85
CA GLY B 109 2.34 10.09 23.37
C GLY B 109 3.29 9.44 24.36
N LYS B 110 2.75 8.75 25.35
CA LYS B 110 3.59 8.01 26.31
C LYS B 110 4.30 6.85 25.63
N GLU B 111 5.57 6.68 25.97
CA GLU B 111 6.36 5.60 25.43
C GLU B 111 6.28 4.38 26.33
N TYR B 112 6.14 3.21 25.70
CA TYR B 112 6.05 1.96 26.42
C TYR B 112 7.22 1.05 26.04
N LYS B 113 7.94 0.57 27.06
CA LYS B 113 9.11 -0.27 26.87
C LYS B 113 8.89 -1.64 27.46
N CYS B 114 9.19 -2.66 26.66
CA CYS B 114 9.20 -4.04 27.11
C CYS B 114 10.64 -4.53 27.16
N LYS B 115 11.12 -4.84 28.37
CA LYS B 115 12.41 -5.50 28.53
C LYS B 115 12.23 -7.00 28.70
N VAL B 116 12.77 -7.76 27.75
CA VAL B 116 12.69 -9.22 27.75
C VAL B 116 14.04 -9.81 28.18
N SER B 117 14.01 -10.72 29.16
CA SER B 117 15.22 -11.32 29.69
C SER B 117 15.11 -12.85 29.71
N ASN B 118 15.89 -13.51 28.86
CA ASN B 118 15.92 -14.97 28.77
C ASN B 118 17.34 -15.46 28.98
N LYS B 119 17.50 -16.69 29.48
CA LYS B 119 18.83 -17.22 29.77
C LYS B 119 19.67 -17.52 28.52
N ALA B 120 19.01 -17.60 27.36
CA ALA B 120 19.68 -17.81 26.08
C ALA B 120 20.18 -16.48 25.49
N LEU B 121 20.18 -15.44 26.33
CA LEU B 121 20.60 -14.11 25.91
C LEU B 121 21.87 -13.67 26.62
N PRO B 122 22.79 -13.02 25.89
CA PRO B 122 23.91 -12.34 26.53
C PRO B 122 23.40 -11.16 27.37
N ALA B 123 22.70 -10.24 26.71
CA ALA B 123 22.05 -9.12 27.37
C ALA B 123 20.54 -9.13 27.06
N PRO B 124 19.72 -8.50 27.93
CA PRO B 124 18.27 -8.38 27.69
C PRO B 124 17.93 -7.60 26.40
N ILE B 125 16.80 -7.95 25.78
CA ILE B 125 16.28 -7.22 24.60
C ILE B 125 15.24 -6.17 25.03
N GLU B 126 15.51 -4.93 24.68
CA GLU B 126 14.57 -3.84 24.93
C GLU B 126 13.91 -3.41 23.62
N LYS B 127 12.61 -3.15 23.70
CA LYS B 127 11.87 -2.58 22.58
C LYS B 127 10.95 -1.49 23.13
N THR B 128 10.72 -0.45 22.31
CA THR B 128 9.91 0.68 22.71
C THR B 128 8.92 0.97 21.59
N ILE B 129 7.69 1.31 21.96
CA ILE B 129 6.75 1.89 21.00
C ILE B 129 5.93 3.00 21.64
N SER B 130 5.39 3.85 20.79
CA SER B 130 4.55 4.94 21.20
C SER B 130 3.78 5.32 19.95
N LYS B 131 2.77 6.17 20.13
CA LYS B 131 2.10 6.82 19.03
C LYS B 131 3.16 7.50 18.16
N ALA B 132 2.80 7.86 16.92
CA ALA B 132 3.72 8.61 16.06
C ALA B 132 3.84 10.06 16.54
N LYS B 133 5.05 10.62 16.47
CA LYS B 133 5.31 11.98 16.97
C LYS B 133 4.78 13.06 16.03
N GLY B 134 4.30 14.16 16.60
CA GLY B 134 3.88 15.33 15.81
C GLY B 134 2.49 15.82 16.17
N GLN B 135 2.20 17.07 15.84
CA GLN B 135 0.87 17.64 16.10
C GLN B 135 -0.20 16.86 15.35
N PRO B 136 -1.17 16.29 16.09
CA PRO B 136 -2.33 15.67 15.45
C PRO B 136 -3.13 16.70 14.66
N ARG B 137 -3.73 16.25 13.56
CA ARG B 137 -4.48 17.11 12.64
C ARG B 137 -5.78 16.42 12.26
N GLU B 138 -6.84 17.21 12.18
CA GLU B 138 -8.18 16.72 11.99
C GLU B 138 -8.39 16.19 10.57
N PRO B 139 -8.97 14.98 10.44
CA PRO B 139 -9.38 14.46 9.14
C PRO B 139 -10.46 15.34 8.54
N GLN B 140 -10.39 15.54 7.23
CA GLN B 140 -11.46 16.18 6.51
C GLN B 140 -12.21 15.08 5.78
N VAL B 141 -13.49 14.93 6.09
CA VAL B 141 -14.29 13.82 5.58
C VAL B 141 -15.30 14.29 4.55
N TYR B 142 -15.28 13.68 3.38
CA TYR B 142 -16.13 14.09 2.27
C TYR B 142 -16.78 12.89 1.57
N THR B 143 -18.07 12.99 1.27
CA THR B 143 -18.77 11.95 0.51
C THR B 143 -18.91 12.33 -0.95
N LEU B 144 -18.71 11.35 -1.84
CA LEU B 144 -18.74 11.59 -3.27
C LEU B 144 -19.60 10.55 -3.97
N PRO B 145 -20.71 11.02 -4.60
CA PRO B 145 -21.65 10.14 -5.32
C PRO B 145 -21.00 9.49 -6.54
N PRO B 146 -21.55 8.34 -6.99
CA PRO B 146 -20.98 7.62 -8.13
C PRO B 146 -21.07 8.43 -9.43
N SER B 147 -20.23 8.07 -10.41
CA SER B 147 -20.20 8.78 -11.68
C SER B 147 -21.47 8.53 -12.50
N ARG B 148 -21.89 9.54 -13.25
CA ARG B 148 -23.06 9.45 -14.13
C ARG B 148 -22.83 8.47 -15.29
N GLY B 149 -21.57 8.38 -15.74
CA GLY B 149 -21.19 7.47 -16.82
C GLY B 149 -20.99 6.03 -16.39
N ASP B 150 -21.21 5.76 -15.10
CA ASP B 150 -21.08 4.41 -14.55
C ASP B 150 -22.41 3.88 -13.99
N MET B 151 -23.51 4.22 -14.66
CA MET B 151 -24.86 3.87 -14.19
C MET B 151 -25.49 2.67 -14.89
N THR B 152 -24.89 2.21 -15.99
CA THR B 152 -25.35 1.00 -16.68
C THR B 152 -24.60 -0.23 -16.15
N LYS B 153 -24.63 -0.39 -14.84
CA LYS B 153 -24.01 -1.53 -14.16
C LYS B 153 -24.95 -1.98 -13.04
N ASN B 154 -24.82 -3.24 -12.61
CA ASN B 154 -25.64 -3.78 -11.53
C ASN B 154 -25.39 -3.11 -10.17
N GLN B 155 -24.18 -2.61 -9.99
CA GLN B 155 -23.74 -2.03 -8.71
C GLN B 155 -23.07 -0.67 -8.86
N VAL B 156 -23.30 0.22 -7.90
CA VAL B 156 -22.68 1.54 -7.89
C VAL B 156 -21.67 1.75 -6.76
N GLN B 157 -20.63 2.53 -7.06
CA GLN B 157 -19.51 2.75 -6.16
C GLN B 157 -19.63 4.08 -5.41
N LEU B 158 -19.75 4.00 -4.10
CA LEU B 158 -19.82 5.19 -3.26
C LEU B 158 -18.49 5.49 -2.57
N THR B 159 -18.14 6.77 -2.54
CA THR B 159 -16.80 7.18 -2.15
C THR B 159 -16.78 8.06 -0.91
N CYS B 160 -15.87 7.72 0.01
CA CYS B 160 -15.59 8.52 1.18
C CYS B 160 -14.11 8.92 1.18
N LEU B 161 -13.84 10.19 0.93
CA LEU B 161 -12.48 10.71 0.96
C LEU B 161 -12.18 11.28 2.33
N VAL B 162 -11.11 10.79 2.94
CA VAL B 162 -10.64 11.27 4.23
C VAL B 162 -9.23 11.81 4.04
N LYS B 163 -9.06 13.13 4.10
CA LYS B 163 -7.75 13.76 3.90
C LYS B 163 -7.34 14.71 5.04
N GLY B 164 -6.07 15.08 5.06
CA GLY B 164 -5.55 16.05 6.01
C GLY B 164 -5.39 15.57 7.43
N PHE B 165 -5.24 14.27 7.62
CA PHE B 165 -5.15 13.72 8.97
C PHE B 165 -3.76 13.27 9.40
N TYR B 166 -3.47 13.48 10.68
CA TYR B 166 -2.27 12.98 11.32
C TYR B 166 -2.59 12.74 12.81
N PRO B 167 -2.09 11.61 13.38
CA PRO B 167 -1.30 10.56 12.75
C PRO B 167 -2.12 9.64 11.81
N SER B 168 -1.53 8.56 11.33
CA SER B 168 -2.21 7.73 10.32
C SER B 168 -3.21 6.75 10.94
N ASP B 169 -3.18 6.65 12.27
CA ASP B 169 -4.09 5.81 13.04
C ASP B 169 -5.53 6.27 12.84
N ILE B 170 -6.38 5.38 12.33
CA ILE B 170 -7.75 5.72 11.94
C ILE B 170 -8.62 4.48 11.80
N ALA B 171 -9.95 4.66 11.78
CA ALA B 171 -10.90 3.61 11.40
C ALA B 171 -12.05 4.21 10.60
N VAL B 172 -12.47 3.47 9.57
CA VAL B 172 -13.48 3.93 8.61
C VAL B 172 -14.49 2.81 8.39
N GLU B 173 -15.78 3.15 8.45
CA GLU B 173 -16.85 2.16 8.26
C GLU B 173 -18.07 2.76 7.57
N TRP B 174 -18.88 1.89 7.00
CA TRP B 174 -20.12 2.31 6.35
C TRP B 174 -21.33 1.74 7.04
N GLU B 175 -22.39 2.54 7.10
CA GLU B 175 -23.66 2.11 7.67
C GLU B 175 -24.85 2.67 6.89
N SER B 176 -26.02 2.08 7.10
CA SER B 176 -27.26 2.52 6.45
C SER B 176 -28.45 2.10 7.30
N ASN B 177 -29.26 3.08 7.68
CA ASN B 177 -30.45 2.89 8.54
C ASN B 177 -30.17 2.07 9.80
N GLY B 178 -29.08 2.42 10.49
CA GLY B 178 -28.68 1.73 11.71
C GLY B 178 -27.89 0.45 11.49
N GLN B 179 -27.90 -0.07 10.26
CA GLN B 179 -27.25 -1.34 9.93
C GLN B 179 -25.88 -1.14 9.27
N PRO B 180 -24.89 -2.00 9.62
CA PRO B 180 -23.56 -1.88 9.04
C PRO B 180 -23.45 -2.53 7.66
N GLU B 181 -22.90 -1.79 6.70
CA GLU B 181 -22.73 -2.28 5.33
C GLU B 181 -21.38 -2.96 5.18
N ASN B 182 -21.39 -4.19 4.69
CA ASN B 182 -20.18 -5.03 4.61
C ASN B 182 -19.42 -5.01 3.28
N ASN B 183 -20.04 -4.47 2.23
CA ASN B 183 -19.47 -4.53 0.89
C ASN B 183 -18.61 -3.30 0.56
N TYR B 184 -17.62 -3.02 1.39
CA TYR B 184 -16.73 -1.89 1.17
C TYR B 184 -15.26 -2.29 1.27
N LYS B 185 -14.39 -1.46 0.71
CA LYS B 185 -12.96 -1.62 0.80
C LYS B 185 -12.32 -0.27 1.05
N THR B 186 -11.26 -0.25 1.86
CA THR B 186 -10.59 0.98 2.24
C THR B 186 -9.10 0.89 1.90
N THR B 187 -8.57 1.95 1.28
CA THR B 187 -7.15 2.02 0.98
C THR B 187 -6.38 2.22 2.28
N PRO B 188 -5.10 1.79 2.33
CA PRO B 188 -4.30 2.16 3.48
C PRO B 188 -3.90 3.66 3.38
N PRO B 189 -3.52 4.29 4.50
CA PRO B 189 -3.20 5.72 4.48
C PRO B 189 -1.96 6.02 3.64
N VAL B 190 -2.02 7.10 2.86
CA VAL B 190 -0.91 7.51 1.98
C VAL B 190 -0.40 8.87 2.46
N LEU B 191 0.92 8.97 2.65
CA LEU B 191 1.55 10.22 3.07
C LEU B 191 1.39 11.28 1.98
N ASP B 192 0.89 12.45 2.38
CA ASP B 192 0.66 13.56 1.44
C ASP B 192 1.84 14.54 1.48
N SER B 193 1.96 15.38 0.45
CA SER B 193 3.06 16.33 0.35
C SER B 193 3.07 17.40 1.45
N ASP B 194 1.96 17.55 2.18
CA ASP B 194 1.92 18.47 3.33
C ASP B 194 2.26 17.79 4.66
N GLY B 195 2.55 16.49 4.61
CA GLY B 195 2.93 15.75 5.80
C GLY B 195 1.78 15.16 6.61
N SER B 196 0.57 15.27 6.08
CA SER B 196 -0.58 14.57 6.63
C SER B 196 -0.91 13.35 5.77
N PHE B 197 -1.88 12.54 6.19
CA PHE B 197 -2.31 11.38 5.39
C PHE B 197 -3.69 11.57 4.77
N PHE B 198 -3.94 10.82 3.71
CA PHE B 198 -5.27 10.73 3.12
C PHE B 198 -5.58 9.28 2.77
N LEU B 199 -6.86 8.96 2.65
CA LEU B 199 -7.30 7.66 2.17
C LEU B 199 -8.66 7.80 1.50
N ALA B 200 -9.09 6.73 0.83
CA ALA B 200 -10.44 6.66 0.34
C ALA B 200 -11.08 5.31 0.69
N SER B 201 -12.36 5.37 1.05
CA SER B 201 -13.14 4.15 1.27
C SER B 201 -14.20 4.07 0.20
N LYS B 202 -14.33 2.91 -0.40
CA LYS B 202 -15.29 2.67 -1.45
C LYS B 202 -16.31 1.61 -1.04
N LEU B 203 -17.58 2.02 -1.01
CA LEU B 203 -18.70 1.10 -0.79
C LEU B 203 -19.35 0.69 -2.11
N THR B 204 -19.53 -0.61 -2.29
CA THR B 204 -20.22 -1.16 -3.44
C THR B 204 -21.62 -1.61 -3.01
N VAL B 205 -22.65 -1.03 -3.64
CA VAL B 205 -24.04 -1.39 -3.38
C VAL B 205 -24.79 -1.72 -4.67
N ASP B 206 -25.91 -2.45 -4.54
CA ASP B 206 -26.81 -2.72 -5.65
C ASP B 206 -27.40 -1.42 -6.18
N LYS B 207 -27.52 -1.30 -7.50
CA LYS B 207 -27.98 -0.06 -8.13
C LYS B 207 -29.36 0.37 -7.65
N SER B 208 -30.27 -0.59 -7.56
CA SER B 208 -31.66 -0.34 -7.10
C SER B 208 -31.70 0.31 -5.72
N ARG B 209 -30.85 -0.15 -4.81
CA ARG B 209 -30.76 0.40 -3.46
C ARG B 209 -30.43 1.90 -3.50
N TRP B 210 -29.41 2.25 -4.27
CA TRP B 210 -29.03 3.65 -4.45
C TRP B 210 -30.14 4.41 -5.11
N GLN B 211 -30.77 3.75 -6.09
CA GLN B 211 -31.87 4.35 -6.84
C GLN B 211 -33.04 4.73 -5.93
N GLN B 212 -33.41 3.82 -5.03
CA GLN B 212 -34.54 3.99 -4.10
C GLN B 212 -34.43 5.17 -3.13
N GLY B 213 -33.31 5.89 -3.18
CA GLY B 213 -33.09 7.04 -2.31
C GLY B 213 -32.60 6.69 -0.92
N ASN B 214 -32.15 5.44 -0.75
CA ASN B 214 -31.53 5.00 0.50
C ASN B 214 -30.33 5.86 0.88
N VAL B 215 -30.17 6.09 2.18
CA VAL B 215 -29.07 6.89 2.69
C VAL B 215 -27.95 6.00 3.22
N PHE B 216 -26.73 6.26 2.75
CA PHE B 216 -25.55 5.53 3.22
C PHE B 216 -24.62 6.48 3.95
N SER B 217 -23.97 5.97 4.98
CA SER B 217 -23.13 6.80 5.83
C SER B 217 -21.70 6.28 5.98
N CYS B 218 -20.76 7.22 5.86
CA CYS B 218 -19.35 6.97 6.08
C CYS B 218 -19.02 7.44 7.48
N SER B 219 -18.56 6.52 8.33
CA SER B 219 -18.20 6.83 9.72
C SER B 219 -16.69 6.82 9.87
N VAL B 220 -16.14 7.89 10.45
CA VAL B 220 -14.69 8.00 10.65
C VAL B 220 -14.32 8.17 12.12
N MET B 221 -13.33 7.40 12.56
CA MET B 221 -12.81 7.49 13.92
C MET B 221 -11.33 7.87 13.94
N HIS B 222 -11.03 8.95 14.66
CA HIS B 222 -9.69 9.54 14.69
C HIS B 222 -9.51 10.41 15.91
N GLU B 223 -8.32 10.35 16.52
CA GLU B 223 -8.05 11.07 17.76
C GLU B 223 -8.32 12.57 17.73
N ALA B 224 -8.18 13.19 16.55
CA ALA B 224 -8.27 14.64 16.43
C ALA B 224 -9.66 15.14 16.04
N LEU B 225 -10.59 14.20 15.87
CA LEU B 225 -11.99 14.56 15.67
C LEU B 225 -12.67 14.92 16.98
N HIS B 226 -13.72 15.74 16.90
CA HIS B 226 -14.54 16.05 18.06
C HIS B 226 -15.13 14.75 18.55
N ASN B 227 -14.79 14.40 19.80
CA ASN B 227 -15.19 13.10 20.37
C ASN B 227 -14.69 11.92 19.55
N ALA B 228 -13.53 12.10 18.92
CA ALA B 228 -12.86 11.04 18.15
C ALA B 228 -13.78 10.37 17.12
N TYR B 229 -14.78 11.10 16.63
CA TYR B 229 -15.78 10.51 15.76
C TYR B 229 -16.48 11.55 14.90
N THR B 230 -16.66 11.20 13.63
CA THR B 230 -17.47 11.99 12.72
C THR B 230 -18.22 11.06 11.77
N GLN B 231 -19.22 11.62 11.08
CA GLN B 231 -20.05 10.87 10.15
C GLN B 231 -20.54 11.80 9.06
N LYS B 232 -20.48 11.32 7.82
CA LYS B 232 -21.05 12.03 6.66
C LYS B 232 -21.88 11.05 5.85
N SER B 233 -22.96 11.54 5.24
CA SER B 233 -23.93 10.69 4.55
C SER B 233 -24.25 11.22 3.15
N LEU B 234 -24.75 10.32 2.29
CA LEU B 234 -25.06 10.64 0.89
C LEU B 234 -26.25 9.82 0.38
N SER B 235 -27.01 10.40 -0.55
CA SER B 235 -28.23 9.75 -1.08
C SER B 235 -28.64 10.26 -2.46
N ASP C 1 -6.35 2.42 -34.95
CA ASP C 1 -5.96 3.75 -34.41
C ASP C 1 -4.86 3.63 -33.34
N CYS C 2 -4.37 4.80 -32.88
CA CYS C 2 -3.22 4.86 -31.97
C CYS C 2 -3.51 5.75 -30.77
N ALA C 3 -2.87 5.42 -29.65
CA ALA C 3 -2.99 6.21 -28.44
C ALA C 3 -1.70 6.96 -28.12
N TRP C 4 -1.84 8.20 -27.70
CA TRP C 4 -0.71 9.07 -27.36
C TRP C 4 -0.82 9.58 -25.95
N HIS C 5 0.32 9.79 -25.31
CA HIS C 5 0.35 10.35 -23.96
C HIS C 5 1.43 11.39 -23.81
N LEU C 6 1.01 12.64 -23.68
CA LEU C 6 1.89 13.82 -23.67
C LEU C 6 2.82 13.81 -24.89
N GLY C 7 2.22 13.64 -26.07
CA GLY C 7 2.98 13.56 -27.32
C GLY C 7 3.98 12.42 -27.41
N GLU C 8 3.61 11.26 -26.87
CA GLU C 8 4.45 10.07 -26.96
C GLU C 8 3.59 8.83 -27.23
N LEU C 9 4.05 8.00 -28.17
CA LEU C 9 3.28 6.84 -28.63
C LEU C 9 3.11 5.77 -27.56
N VAL C 10 1.87 5.42 -27.27
CA VAL C 10 1.56 4.35 -26.32
C VAL C 10 1.44 3.01 -27.04
N TRP C 11 0.54 2.93 -28.00
CA TRP C 11 0.21 1.68 -28.67
C TRP C 11 -0.57 1.96 -29.90
N CYS C 12 -0.58 0.99 -30.81
CA CYS C 12 -1.54 0.99 -31.93
C CYS C 12 -2.06 -0.43 -32.14
N THR C 13 -3.27 -0.52 -32.67
CA THR C 13 -3.82 -1.80 -33.11
C THR C 13 -4.20 -1.73 -34.58
C1 NAG D . 25.27 -4.09 1.95
C2 NAG D . 24.42 -5.25 2.50
C3 NAG D . 23.38 -5.71 1.48
C4 NAG D . 22.58 -4.52 0.92
C5 NAG D . 23.59 -3.49 0.40
C6 NAG D . 22.97 -2.23 -0.24
C7 NAG D . 25.47 -6.67 4.22
C8 NAG D . 26.38 -7.82 4.52
N2 NAG D . 25.28 -6.35 2.94
O3 NAG D . 22.53 -6.65 2.08
O4 NAG D . 21.73 -4.92 -0.13
O5 NAG D . 24.41 -3.07 1.47
O6 NAG D . 22.03 -1.65 0.61
O7 NAG D . 24.95 -6.06 5.17
C1 NAG D . 20.33 -4.91 0.25
C2 NAG D . 19.49 -4.48 -0.96
C3 NAG D . 17.99 -4.60 -0.69
C4 NAG D . 17.63 -5.98 -0.15
C5 NAG D . 18.55 -6.35 1.02
C6 NAG D . 18.33 -7.80 1.45
C7 NAG D . 20.30 -2.89 -2.64
C8 NAG D . 20.62 -1.45 -2.97
N2 NAG D . 19.84 -3.15 -1.41
O3 NAG D . 17.27 -4.31 -1.87
O4 NAG D . 16.30 -6.03 0.34
O5 NAG D . 19.92 -6.20 0.68
O6 NAG D . 19.39 -8.16 2.30
O7 NAG D . 20.48 -3.74 -3.52
C1 BMA D . 15.40 -6.60 -0.62
C2 BMA D . 14.29 -7.34 0.12
C3 BMA D . 13.17 -7.77 -0.82
C4 BMA D . 12.68 -6.64 -1.72
C5 BMA D . 13.84 -5.86 -2.33
C6 BMA D . 13.41 -4.53 -2.94
O2 BMA D . 13.78 -6.46 1.12
O3 BMA D . 12.04 -8.28 -0.08
O4 BMA D . 11.91 -7.24 -2.76
O5 BMA D . 14.83 -5.54 -1.36
O6 BMA D . 14.61 -3.78 -3.17
C1 MAN D . 14.38 -2.59 -3.95
C2 MAN D . 15.62 -2.28 -4.83
C3 MAN D . 16.74 -1.74 -3.95
C4 MAN D . 16.23 -0.49 -3.20
C5 MAN D . 15.04 -0.90 -2.33
C6 MAN D . 14.49 0.32 -1.58
O2 MAN D . 15.34 -1.25 -5.75
O3 MAN D . 17.86 -1.45 -4.73
O4 MAN D . 17.25 0.11 -2.42
O5 MAN D . 14.01 -1.47 -3.14
O6 MAN D . 13.30 -0.03 -0.93
C1 NAG D . 14.75 -1.70 -6.99
C2 NAG D . 13.85 -0.57 -7.47
C3 NAG D . 13.27 -0.86 -8.84
C4 NAG D . 14.29 -1.45 -9.83
C5 NAG D . 15.16 -2.51 -9.14
C6 NAG D . 16.27 -3.06 -10.03
C7 NAG D . 12.65 0.76 -5.80
C8 NAG D . 11.45 0.79 -4.89
N2 NAG D . 12.77 -0.35 -6.54
O3 NAG D . 12.73 0.35 -9.33
O4 NAG D . 13.59 -2.02 -10.93
O5 NAG D . 15.73 -1.95 -7.98
O6 NAG D . 17.31 -2.12 -10.16
O7 NAG D . 13.44 1.70 -5.83
C1 GAL D . 14.07 -1.43 -12.16
C2 GAL D . 13.46 -2.16 -13.37
C3 GAL D . 14.04 -1.57 -14.66
C4 GAL D . 13.92 -0.03 -14.68
C5 GAL D . 14.52 0.53 -13.38
C6 GAL D . 14.46 2.05 -13.31
O2 GAL D . 13.73 -3.55 -13.32
O3 GAL D . 13.42 -2.16 -15.79
O4 GAL D . 12.57 0.36 -14.80
O5 GAL D . 13.83 -0.04 -12.27
O6 GAL D . 15.27 2.48 -12.24
C1 MAN D . 11.83 -9.69 -0.30
C2 MAN D . 10.40 -10.10 0.05
C3 MAN D . 10.15 -9.90 1.55
C4 MAN D . 11.26 -10.46 2.43
C5 MAN D . 12.68 -10.36 1.83
C6 MAN D . 13.59 -11.41 2.45
O2 MAN D . 10.15 -11.45 -0.28
O3 MAN D . 8.94 -10.52 1.90
O4 MAN D . 11.24 -9.75 3.65
O5 MAN D . 12.71 -10.54 0.42
O6 MAN D . 14.92 -11.22 1.96
C1 FUC D . 22.08 -0.21 0.53
C2 FUC D . 20.74 0.38 0.99
C3 FUC D . 20.60 0.45 2.52
C4 FUC D . 21.89 0.86 3.23
C5 FUC D . 23.07 0.09 2.65
C6 FUC D . 24.40 0.42 3.33
O2 FUC D . 19.69 -0.40 0.47
O3 FUC D . 19.57 1.35 2.87
O4 FUC D . 22.10 2.25 3.07
O5 FUC D . 23.16 0.36 1.25
C1 NAG E . 8.69 -20.86 14.31
C2 NAG E . 9.77 -19.88 13.81
C3 NAG E . 9.39 -18.41 14.09
C4 NAG E . 7.92 -18.10 13.76
C5 NAG E . 7.04 -19.20 14.35
C6 NAG E . 5.53 -19.00 14.13
C7 NAG E . 12.23 -20.01 13.78
C8 NAG E . 13.46 -20.44 14.52
N2 NAG E . 11.06 -20.22 14.39
O3 NAG E . 10.23 -17.58 13.33
O4 NAG E . 7.55 -16.84 14.31
O5 NAG E . 7.43 -20.46 13.82
O6 NAG E . 5.29 -18.61 12.81
O7 NAG E . 12.34 -19.48 12.68
C1 NAG E . 7.46 -15.77 13.35
C2 NAG E . 6.40 -14.78 13.83
C3 NAG E . 6.32 -13.55 12.93
C4 NAG E . 7.69 -12.91 12.76
C5 NAG E . 8.72 -13.98 12.34
C6 NAG E . 10.14 -13.40 12.29
C7 NAG E . 4.25 -15.16 14.93
C8 NAG E . 2.95 -15.92 14.90
N2 NAG E . 5.10 -15.43 13.94
O3 NAG E . 5.43 -12.61 13.49
O4 NAG E . 7.64 -11.92 11.74
O5 NAG E . 8.70 -15.11 13.22
O6 NAG E . 11.06 -14.20 13.00
O7 NAG E . 4.47 -14.33 15.82
C1 BMA E . 7.49 -10.59 12.27
C2 BMA E . 8.44 -9.65 11.51
C3 BMA E . 8.12 -8.18 11.77
C4 BMA E . 6.63 -7.85 11.65
C5 BMA E . 5.79 -8.86 12.43
C6 BMA E . 4.29 -8.68 12.17
O2 BMA E . 8.37 -9.91 10.10
O3 BMA E . 8.83 -7.34 10.86
O4 BMA E . 6.46 -6.56 12.22
O5 BMA E . 6.13 -10.21 12.10
O6 BMA E . 3.65 -9.83 12.72
C1 MAN E . 2.21 -9.75 12.73
C2 MAN E . 1.72 -10.71 13.83
C3 MAN E . 2.01 -12.15 13.40
C4 MAN E . 1.43 -12.44 12.01
C5 MAN E . 1.86 -11.36 11.00
C6 MAN E . 1.20 -11.56 9.63
O2 MAN E . 0.32 -10.59 14.05
O3 MAN E . 1.47 -13.04 14.36
O4 MAN E . 1.86 -13.71 11.58
O5 MAN E . 1.58 -10.06 11.50
O6 MAN E . -0.15 -11.14 9.66
C1 NAG E . 0.04 -9.58 15.04
C2 NAG E . -1.29 -8.94 14.70
C3 NAG E . -1.61 -7.82 15.68
C4 NAG E . -1.42 -8.28 17.14
C5 NAG E . -0.05 -8.96 17.30
C6 NAG E . 0.29 -9.47 18.71
C7 NAG E . -1.89 -9.10 12.34
C8 NAG E . -1.75 -8.50 10.98
N2 NAG E . -1.26 -8.47 13.33
O3 NAG E . -2.94 -7.39 15.44
O4 NAG E . -1.56 -7.17 18.00
O5 NAG E . 0.03 -10.04 16.39
O6 NAG E . -0.77 -10.22 19.27
O7 NAG E . -2.57 -10.13 12.51
C1 GAL E . -2.45 -7.42 19.11
C2 GAL E . -2.84 -6.07 19.72
C3 GAL E . -4.08 -6.12 20.64
C4 GAL E . -5.13 -7.13 20.18
C5 GAL E . -4.47 -8.46 19.83
C6 GAL E . -5.47 -9.55 19.46
O2 GAL E . -1.76 -5.55 20.46
O3 GAL E . -4.64 -4.84 20.73
O4 GAL E . -5.82 -6.62 19.06
O5 GAL E . -3.56 -8.24 18.77
O6 GAL E . -5.23 -10.73 20.21
C1 MAN E . 9.84 -6.57 11.54
C2 MAN E . 9.98 -5.22 10.84
C3 MAN E . 10.48 -5.42 9.41
C4 MAN E . 11.58 -6.49 9.28
C5 MAN E . 12.01 -7.23 10.56
C6 MAN E . 13.36 -6.70 11.03
O2 MAN E . 10.85 -4.36 11.56
O3 MAN E . 10.92 -4.19 8.87
O4 MAN E . 11.16 -7.46 8.35
O5 MAN E . 11.10 -7.24 11.65
O6 MAN E . 13.17 -5.67 11.99
C1 FUC E . 4.05 -19.19 12.34
C2 FUC E . 3.48 -18.28 11.24
C3 FUC E . 4.26 -18.43 9.93
C4 FUC E . 4.44 -19.91 9.55
C5 FUC E . 5.05 -20.66 10.74
C6 FUC E . 5.31 -22.12 10.43
O2 FUC E . 3.54 -16.93 11.67
O3 FUC E . 3.63 -17.73 8.89
O4 FUC E . 3.19 -20.47 9.22
O5 FUC E . 4.19 -20.53 11.88
#